data_1UEU
#
_entry.id   1UEU
#
_cell.length_a   86.835
_cell.length_b   78.111
_cell.length_c   77.815
_cell.angle_alpha   90.00
_cell.angle_beta   97.65
_cell.angle_gamma   90.00
#
_symmetry.space_group_name_H-M   'C 1 2 1'
#
loop_
_entity.id
_entity.type
_entity.pdbx_description
1 polymer 'tRNA nucleotidyltransferase'
2 non-polymer 'ACETATE ION'
3 non-polymer 'MAGNESIUM ION'
4 non-polymer "CYTIDINE-5'-TRIPHOSPHATE"
5 water water
#
_entity_poly.entity_id   1
_entity_poly.type   'polypeptide(L)'
_entity_poly.pdbx_seq_one_letter_code
;MKVEEILEKALELVIPDEEEVRKGREAEEELRRRLDELGVEYVFVGSYARNTWLKGSLEIDVFLLFPEEFSKEELRERGL
EIGKAVLDSYEIRYAEHPYVHGVVKGVEVDVVPCYKLKEPKNIKSAVDRTPFHHKWLEGRIKGKENEVRLLKGFLKANGI
YGAEYKVRGFSGYLCELLIVFYGSFLETVKNARRWTRRTVIDVAKGEVRKGEEFFVVDPVDEKRNVAANLSLDNLARFVH
LCREFMEAPSLGFFKPKHPLEIEPERLRKIVEERGTAVFAVKFRKPDIVDDNLYPQLERASRKIFEFLERENFMPLRSAF
KASEEFCYLLFECQIKEISRVFRRMGPQFEDERNVKKFLSRNRAFRPFIENGRWWAFEMRKFTTPEEGVRSYASTHWHTL
GKNVGESIREYFEIISGEKLFKEPVTAELCEMMGVKD
;
_entity_poly.pdbx_strand_id   A
#
loop_
_chem_comp.id
_chem_comp.type
_chem_comp.name
_chem_comp.formula
ACT non-polymer 'ACETATE ION' 'C2 H3 O2 -1'
CTP non-polymer CYTIDINE-5'-TRIPHOSPHATE 'C9 H16 N3 O14 P3'
MG non-polymer 'MAGNESIUM ION' 'Mg 2'
#
# COMPACT_ATOMS: atom_id res chain seq x y z
N LYS A 2 4.20 -11.34 -32.44
CA LYS A 2 5.15 -11.47 -31.30
C LYS A 2 4.40 -11.33 -29.95
N VAL A 3 3.80 -10.16 -29.75
CA VAL A 3 3.02 -9.87 -28.55
C VAL A 3 2.02 -10.98 -28.22
N GLU A 4 1.23 -11.39 -29.22
CA GLU A 4 0.22 -12.44 -29.05
C GLU A 4 0.87 -13.72 -28.58
N GLU A 5 2.07 -13.97 -29.06
CA GLU A 5 2.81 -15.17 -28.65
C GLU A 5 3.27 -15.08 -27.21
N ILE A 6 3.55 -13.85 -26.76
CA ILE A 6 3.99 -13.64 -25.39
C ILE A 6 2.79 -13.79 -24.44
N LEU A 7 1.66 -13.21 -24.85
CA LEU A 7 0.44 -13.28 -24.06
C LEU A 7 -0.01 -14.73 -23.95
N GLU A 8 0.36 -15.53 -24.95
CA GLU A 8 -0.01 -16.94 -24.97
C GLU A 8 0.76 -17.71 -23.92
N LYS A 9 2.02 -17.38 -23.74
CA LYS A 9 2.83 -18.05 -22.75
C LYS A 9 2.51 -17.49 -21.37
N ALA A 10 2.10 -16.23 -21.33
CA ALA A 10 1.73 -15.58 -20.08
C ALA A 10 0.54 -16.33 -19.45
N LEU A 11 -0.32 -16.89 -20.29
CA LEU A 11 -1.48 -17.60 -19.78
C LEU A 11 -1.10 -18.74 -18.84
N GLU A 12 0.03 -19.37 -19.11
CA GLU A 12 0.48 -20.50 -18.30
C GLU A 12 0.92 -20.06 -16.90
N LEU A 13 1.14 -18.77 -16.74
CA LEU A 13 1.55 -18.21 -15.45
C LEU A 13 0.36 -17.67 -14.66
N VAL A 14 -0.64 -17.17 -15.36
CA VAL A 14 -1.81 -16.56 -14.71
C VAL A 14 -3.03 -17.46 -14.52
N ILE A 15 -3.18 -18.47 -15.37
CA ILE A 15 -4.34 -19.35 -15.27
C ILE A 15 -4.06 -20.42 -14.25
N PRO A 16 -4.93 -20.53 -13.22
CA PRO A 16 -4.80 -21.51 -12.14
C PRO A 16 -4.48 -22.93 -12.59
N ASP A 17 -4.63 -23.89 -11.71
CA ASP A 17 -4.32 -25.25 -12.08
C ASP A 17 -5.25 -26.29 -11.49
N GLU A 18 -5.40 -27.32 -12.29
CA GLU A 18 -6.18 -28.50 -12.02
C GLU A 18 -6.28 -28.86 -10.53
N GLU A 19 -5.17 -28.68 -9.80
CA GLU A 19 -5.13 -29.01 -8.38
C GLU A 19 -5.59 -27.89 -7.44
N GLU A 20 -5.92 -26.74 -8.02
CA GLU A 20 -6.40 -25.63 -7.22
C GLU A 20 -7.81 -25.32 -7.72
N VAL A 21 -8.10 -25.73 -8.95
CA VAL A 21 -9.44 -25.54 -9.50
C VAL A 21 -10.20 -26.73 -8.95
N ARG A 22 -9.44 -27.66 -8.37
CA ARG A 22 -9.99 -28.86 -7.76
C ARG A 22 -10.45 -28.54 -6.35
N LYS A 23 -9.62 -27.79 -5.64
CA LYS A 23 -9.93 -27.42 -4.27
C LYS A 23 -11.12 -26.48 -4.24
N GLY A 24 -11.17 -25.57 -5.21
CA GLY A 24 -12.26 -24.62 -5.26
C GLY A 24 -13.58 -25.24 -5.65
N ARG A 25 -13.51 -26.32 -6.41
CA ARG A 25 -14.74 -26.99 -6.82
C ARG A 25 -15.29 -27.87 -5.70
N GLU A 26 -14.38 -28.35 -4.85
CA GLU A 26 -14.77 -29.21 -3.74
C GLU A 26 -15.38 -28.36 -2.63
N ALA A 27 -14.60 -27.39 -2.15
CA ALA A 27 -15.02 -26.48 -1.10
C ALA A 27 -16.32 -25.73 -1.43
N GLU A 28 -16.53 -25.44 -2.70
CA GLU A 28 -17.74 -24.75 -3.11
C GLU A 28 -18.99 -25.61 -2.88
N GLU A 29 -19.03 -26.80 -3.49
CA GLU A 29 -20.18 -27.70 -3.35
C GLU A 29 -20.48 -27.93 -1.88
N GLU A 30 -19.44 -28.25 -1.12
CA GLU A 30 -19.58 -28.48 0.30
C GLU A 30 -20.18 -27.26 1.04
N LEU A 31 -19.63 -26.09 0.75
CA LEU A 31 -20.11 -24.87 1.39
C LEU A 31 -21.59 -24.61 1.07
N ARG A 32 -22.03 -24.98 -0.13
CA ARG A 32 -23.43 -24.78 -0.51
C ARG A 32 -24.30 -25.76 0.28
N ARG A 33 -23.77 -26.96 0.44
CA ARG A 33 -24.50 -27.99 1.15
C ARG A 33 -24.73 -27.54 2.59
N ARG A 34 -23.68 -27.01 3.21
CA ARG A 34 -23.78 -26.55 4.58
C ARG A 34 -24.68 -25.33 4.66
N LEU A 35 -24.65 -24.50 3.63
CA LEU A 35 -25.50 -23.29 3.64
C LEU A 35 -26.97 -23.60 3.35
N ASP A 36 -27.22 -24.53 2.45
CA ASP A 36 -28.59 -24.87 2.09
C ASP A 36 -29.33 -25.57 3.24
N GLU A 37 -28.67 -26.53 3.89
CA GLU A 37 -29.30 -27.24 5.00
C GLU A 37 -29.84 -26.29 6.03
N LEU A 38 -29.15 -25.18 6.23
CA LEU A 38 -29.59 -24.21 7.19
C LEU A 38 -30.71 -23.33 6.62
N GLY A 39 -30.94 -23.43 5.31
CA GLY A 39 -31.95 -22.62 4.63
C GLY A 39 -31.49 -21.16 4.56
N VAL A 40 -30.21 -20.97 4.29
CA VAL A 40 -29.65 -19.62 4.22
C VAL A 40 -29.72 -19.04 2.83
N GLU A 41 -29.91 -17.73 2.78
CA GLU A 41 -29.93 -16.96 1.54
C GLU A 41 -28.52 -16.38 1.29
N TYR A 42 -27.82 -16.86 0.28
CA TYR A 42 -26.47 -16.39 0.03
C TYR A 42 -26.19 -16.31 -1.46
N VAL A 43 -25.04 -15.71 -1.79
CA VAL A 43 -24.62 -15.61 -3.17
C VAL A 43 -23.11 -15.52 -3.22
N PHE A 44 -22.45 -16.36 -4.02
CA PHE A 44 -21.00 -16.32 -4.18
C PHE A 44 -20.72 -15.07 -5.01
N VAL A 45 -19.79 -14.21 -4.58
CA VAL A 45 -19.51 -12.92 -5.26
C VAL A 45 -18.05 -12.60 -5.51
N GLY A 46 -17.18 -13.57 -5.33
CA GLY A 46 -15.81 -13.20 -5.54
C GLY A 46 -15.27 -13.38 -6.94
N SER A 47 -13.97 -13.22 -7.05
CA SER A 47 -13.29 -13.46 -8.29
C SER A 47 -13.60 -14.96 -8.60
N TYR A 48 -13.74 -15.76 -7.54
CA TYR A 48 -14.02 -17.21 -7.73
C TYR A 48 -15.35 -17.40 -8.44
N ALA A 49 -16.35 -16.65 -8.00
CA ALA A 49 -17.68 -16.70 -8.57
C ALA A 49 -17.74 -16.34 -10.06
N ARG A 50 -16.66 -15.76 -10.58
CA ARG A 50 -16.59 -15.38 -11.99
C ARG A 50 -15.37 -16.01 -12.66
N ASN A 51 -14.76 -16.96 -11.99
CA ASN A 51 -13.58 -17.62 -12.57
C ASN A 51 -12.52 -16.62 -13.11
N THR A 52 -12.43 -15.48 -12.43
CA THR A 52 -11.44 -14.48 -12.80
C THR A 52 -10.29 -14.45 -11.80
N TRP A 53 -10.19 -15.48 -10.98
CA TRP A 53 -9.14 -15.46 -9.97
C TRP A 53 -7.77 -15.87 -10.49
N LEU A 54 -6.74 -15.15 -10.06
CA LEU A 54 -5.36 -15.40 -10.49
C LEU A 54 -4.85 -16.72 -9.94
N LYS A 55 -4.05 -17.41 -10.75
CA LYS A 55 -3.47 -18.68 -10.35
C LYS A 55 -2.79 -18.57 -9.00
N GLY A 56 -3.10 -19.52 -8.13
CA GLY A 56 -2.50 -19.54 -6.80
C GLY A 56 -3.17 -18.61 -5.80
N SER A 57 -4.22 -17.92 -6.22
CA SER A 57 -4.89 -16.95 -5.37
C SER A 57 -6.34 -17.34 -5.05
N LEU A 58 -6.59 -18.64 -4.98
CA LEU A 58 -7.93 -19.16 -4.70
C LEU A 58 -8.53 -18.75 -3.35
N GLU A 59 -9.77 -18.26 -3.36
CA GLU A 59 -10.49 -17.86 -2.15
C GLU A 59 -11.97 -17.65 -2.49
N ILE A 60 -12.86 -17.98 -1.56
CA ILE A 60 -14.28 -17.83 -1.81
C ILE A 60 -14.96 -16.75 -0.98
N ASP A 61 -15.84 -15.98 -1.62
CA ASP A 61 -16.57 -14.93 -0.92
C ASP A 61 -18.06 -15.16 -0.98
N VAL A 62 -18.66 -15.37 0.16
CA VAL A 62 -20.07 -15.62 0.26
C VAL A 62 -20.71 -14.51 1.05
N PHE A 63 -21.73 -13.89 0.47
CA PHE A 63 -22.42 -12.84 1.17
C PHE A 63 -23.81 -13.34 1.53
N LEU A 64 -24.15 -13.21 2.81
CA LEU A 64 -25.44 -13.66 3.30
C LEU A 64 -26.40 -12.48 3.24
N LEU A 65 -27.58 -12.73 2.69
CA LEU A 65 -28.59 -11.69 2.48
C LEU A 65 -29.62 -11.49 3.60
N PHE A 66 -29.67 -10.30 4.18
CA PHE A 66 -30.61 -9.99 5.27
C PHE A 66 -31.43 -8.70 5.02
N PRO A 67 -32.75 -8.76 5.22
CA PRO A 67 -33.81 -7.73 5.08
C PRO A 67 -33.55 -6.26 5.42
N GLU A 68 -34.25 -5.75 6.43
CA GLU A 68 -34.09 -4.35 6.85
C GLU A 68 -33.93 -4.29 8.38
N GLU A 69 -33.37 -5.36 8.96
CA GLU A 69 -33.16 -5.43 10.42
C GLU A 69 -31.72 -5.07 10.76
N PHE A 70 -31.33 -5.15 12.03
CA PHE A 70 -29.96 -4.74 12.28
C PHE A 70 -28.88 -5.58 12.92
N SER A 71 -29.12 -6.64 13.67
CA SER A 71 -27.90 -7.30 14.05
C SER A 71 -27.71 -8.74 13.69
N LYS A 72 -26.99 -8.77 12.58
CA LYS A 72 -26.53 -9.89 11.80
C LYS A 72 -25.50 -10.72 12.53
N GLU A 73 -25.55 -10.66 13.86
CA GLU A 73 -24.66 -11.44 14.70
C GLU A 73 -25.04 -12.88 14.39
N GLU A 74 -26.06 -13.00 13.55
CA GLU A 74 -26.54 -14.29 13.08
C GLU A 74 -25.46 -14.76 12.12
N LEU A 75 -24.86 -13.80 11.42
CA LEU A 75 -23.83 -14.17 10.49
C LEU A 75 -22.68 -14.76 11.25
N ARG A 76 -22.34 -14.15 12.38
CA ARG A 76 -21.28 -14.66 13.22
C ARG A 76 -21.63 -16.12 13.43
N GLU A 77 -22.90 -16.33 13.73
CA GLU A 77 -23.42 -17.65 13.97
C GLU A 77 -23.35 -18.54 12.73
N ARG A 78 -23.95 -18.13 11.62
CA ARG A 78 -23.93 -18.95 10.41
C ARG A 78 -22.54 -19.33 9.93
N GLY A 79 -21.66 -18.33 9.83
CA GLY A 79 -20.29 -18.58 9.41
C GLY A 79 -19.62 -19.66 10.24
N LEU A 80 -19.60 -19.45 11.54
CA LEU A 80 -19.00 -20.41 12.47
C LEU A 80 -19.59 -21.80 12.27
N GLU A 81 -20.87 -21.85 11.89
CA GLU A 81 -21.55 -23.12 11.68
C GLU A 81 -21.35 -23.74 10.30
N ILE A 82 -20.62 -23.07 9.42
CA ILE A 82 -20.37 -23.61 8.08
C ILE A 82 -18.90 -23.69 7.74
N GLY A 83 -18.07 -22.94 8.47
CA GLY A 83 -16.64 -22.95 8.24
C GLY A 83 -15.92 -23.91 9.18
N LYS A 84 -15.07 -24.76 8.63
CA LYS A 84 -14.32 -25.73 9.44
C LYS A 84 -13.45 -25.02 10.50
N ALA A 85 -12.83 -23.91 10.12
CA ALA A 85 -12.00 -23.11 11.03
C ALA A 85 -12.49 -21.69 10.87
N VAL A 86 -12.19 -20.82 11.82
CA VAL A 86 -12.70 -19.46 11.74
C VAL A 86 -11.89 -18.37 12.46
N LEU A 87 -12.12 -17.14 12.03
CA LEU A 87 -11.45 -15.99 12.58
C LEU A 87 -12.34 -14.79 12.33
N ASP A 88 -12.32 -13.84 13.24
CA ASP A 88 -13.13 -12.63 13.07
C ASP A 88 -12.31 -11.47 12.54
N SER A 89 -12.49 -11.18 11.26
CA SER A 89 -11.75 -10.09 10.63
C SER A 89 -12.54 -8.80 10.74
N TYR A 90 -11.86 -7.74 11.14
CA TYR A 90 -12.52 -6.46 11.27
C TYR A 90 -12.09 -5.57 10.11
N GLU A 96 -19.35 -3.26 11.69
CA GLU A 96 -19.91 -3.35 10.30
C GLU A 96 -18.90 -4.01 9.37
N HIS A 97 -17.70 -4.20 9.87
CA HIS A 97 -16.62 -4.82 9.10
C HIS A 97 -16.36 -6.25 9.56
N PRO A 98 -16.71 -6.58 10.82
CA PRO A 98 -16.46 -7.94 11.32
C PRO A 98 -17.12 -9.06 10.50
N TYR A 99 -16.29 -9.97 9.99
CA TYR A 99 -16.80 -11.11 9.22
C TYR A 99 -16.07 -12.36 9.57
N VAL A 100 -16.58 -13.48 9.09
CA VAL A 100 -15.98 -14.76 9.36
C VAL A 100 -15.04 -15.18 8.25
N HIS A 101 -13.82 -15.55 8.60
CA HIS A 101 -12.88 -16.03 7.60
C HIS A 101 -12.47 -17.37 8.13
N GLY A 102 -12.41 -18.38 7.27
CA GLY A 102 -12.01 -19.68 7.74
C GLY A 102 -11.60 -20.51 6.56
N VAL A 103 -11.80 -21.81 6.67
CA VAL A 103 -11.44 -22.73 5.62
C VAL A 103 -12.53 -23.78 5.54
N VAL A 104 -12.75 -24.30 4.33
CA VAL A 104 -13.74 -25.33 4.12
C VAL A 104 -13.13 -26.21 3.05
N LYS A 105 -12.86 -27.45 3.40
CA LYS A 105 -12.27 -28.39 2.45
C LYS A 105 -10.88 -27.89 2.05
N GLY A 106 -10.24 -27.16 2.95
CA GLY A 106 -8.91 -26.65 2.69
C GLY A 106 -8.86 -25.27 2.05
N VAL A 107 -9.93 -24.87 1.37
CA VAL A 107 -9.99 -23.56 0.71
C VAL A 107 -10.42 -22.40 1.60
N GLU A 108 -9.73 -21.27 1.46
CA GLU A 108 -10.03 -20.06 2.23
C GLU A 108 -11.39 -19.46 1.84
N VAL A 109 -12.19 -19.13 2.84
CA VAL A 109 -13.52 -18.59 2.63
C VAL A 109 -13.85 -17.38 3.45
N ASP A 110 -14.58 -16.44 2.88
CA ASP A 110 -15.00 -15.27 3.61
C ASP A 110 -16.54 -15.28 3.64
N VAL A 111 -17.13 -15.28 4.82
CA VAL A 111 -18.59 -15.28 4.96
C VAL A 111 -18.97 -13.89 5.48
N VAL A 112 -19.56 -13.08 4.59
CA VAL A 112 -19.91 -11.70 4.89
C VAL A 112 -21.40 -11.33 4.88
N PRO A 113 -21.83 -10.56 5.89
CA PRO A 113 -23.15 -10.01 6.22
C PRO A 113 -23.66 -8.79 5.47
N CYS A 114 -24.65 -9.00 4.61
CA CYS A 114 -25.22 -7.87 3.89
C CYS A 114 -26.72 -8.02 3.78
N TYR A 115 -27.39 -7.01 3.22
CA TYR A 115 -28.83 -7.03 3.06
C TYR A 115 -29.21 -7.51 1.66
N LYS A 116 -30.24 -8.34 1.56
CA LYS A 116 -30.69 -8.77 0.25
C LYS A 116 -31.42 -7.54 -0.25
N LEU A 117 -30.67 -6.49 -0.55
CA LEU A 117 -31.26 -5.25 -1.02
C LEU A 117 -31.86 -5.30 -2.42
N LYS A 118 -33.12 -4.90 -2.48
CA LYS A 118 -33.86 -4.88 -3.73
C LYS A 118 -33.27 -3.78 -4.62
N GLU A 119 -31.97 -3.89 -4.88
CA GLU A 119 -31.20 -2.96 -5.71
C GLU A 119 -30.66 -1.68 -5.04
N PRO A 120 -29.72 -0.97 -5.71
CA PRO A 120 -29.04 0.27 -5.31
C PRO A 120 -29.68 1.30 -4.36
N LYS A 121 -29.08 1.38 -3.17
CA LYS A 121 -29.48 2.28 -2.09
C LYS A 121 -28.43 2.02 -1.04
N ASN A 122 -28.22 0.73 -0.78
CA ASN A 122 -27.24 0.22 0.17
C ASN A 122 -27.30 0.89 1.54
N ILE A 123 -27.59 0.08 2.55
CA ILE A 123 -27.68 0.58 3.93
C ILE A 123 -26.27 0.75 4.51
N LYS A 124 -25.95 1.97 4.89
CA LYS A 124 -24.62 2.27 5.42
C LYS A 124 -23.64 1.46 4.57
N SER A 125 -23.89 1.52 3.26
CA SER A 125 -23.12 0.82 2.24
C SER A 125 -21.68 0.47 2.55
N ALA A 126 -21.18 -0.51 1.81
CA ALA A 126 -19.81 -1.02 1.90
C ALA A 126 -19.92 -2.46 1.45
N VAL A 127 -20.30 -3.32 2.39
CA VAL A 127 -20.47 -4.74 2.15
C VAL A 127 -21.68 -4.97 1.23
N ASP A 128 -22.67 -4.09 1.32
CA ASP A 128 -23.89 -4.21 0.53
C ASP A 128 -23.71 -3.96 -0.94
N ARG A 129 -22.57 -3.37 -1.29
CA ARG A 129 -22.31 -3.07 -2.68
C ARG A 129 -21.76 -4.28 -3.42
N THR A 130 -21.02 -5.10 -2.70
CA THR A 130 -20.40 -6.28 -3.27
C THR A 130 -21.30 -7.14 -4.16
N PRO A 131 -22.58 -7.34 -3.78
CA PRO A 131 -23.46 -8.18 -4.61
C PRO A 131 -23.81 -7.54 -5.96
N PHE A 132 -23.99 -6.22 -5.97
CA PHE A 132 -24.28 -5.52 -7.22
C PHE A 132 -23.04 -5.51 -8.13
N HIS A 133 -21.87 -5.30 -7.54
CA HIS A 133 -20.62 -5.32 -8.29
C HIS A 133 -20.59 -6.65 -9.05
N HIS A 134 -20.90 -7.72 -8.35
CA HIS A 134 -20.91 -9.04 -8.98
C HIS A 134 -22.00 -9.12 -10.07
N LYS A 135 -23.20 -8.68 -9.75
CA LYS A 135 -24.27 -8.75 -10.73
C LYS A 135 -23.89 -7.97 -12.01
N TRP A 136 -23.34 -6.76 -11.83
CA TRP A 136 -22.96 -5.93 -12.95
C TRP A 136 -21.91 -6.57 -13.86
N LEU A 137 -20.95 -7.28 -13.26
CA LEU A 137 -19.85 -7.96 -13.97
C LEU A 137 -20.15 -9.33 -14.53
N GLU A 138 -20.86 -10.15 -13.75
CA GLU A 138 -21.14 -11.53 -14.15
C GLU A 138 -21.50 -11.69 -15.63
N GLY A 139 -22.42 -10.85 -16.09
CA GLY A 139 -22.83 -10.95 -17.48
C GLY A 139 -21.95 -10.26 -18.50
N ARG A 140 -21.08 -9.35 -18.07
CA ARG A 140 -20.21 -8.63 -19.00
C ARG A 140 -18.82 -9.17 -19.13
N ILE A 141 -18.37 -9.93 -18.13
CA ILE A 141 -17.01 -10.46 -18.14
C ILE A 141 -16.88 -11.85 -18.71
N LYS A 142 -18.01 -12.52 -18.90
CA LYS A 142 -18.00 -13.87 -19.45
C LYS A 142 -17.15 -13.93 -20.73
N GLY A 143 -16.25 -14.91 -20.79
CA GLY A 143 -15.39 -15.09 -21.95
C GLY A 143 -14.04 -14.37 -21.89
N LYS A 144 -13.98 -13.32 -21.08
CA LYS A 144 -12.73 -12.54 -20.96
C LYS A 144 -11.99 -12.86 -19.66
N GLU A 145 -12.39 -13.94 -19.02
CA GLU A 145 -11.80 -14.35 -17.76
C GLU A 145 -10.29 -14.31 -17.81
N ASN A 146 -9.71 -14.86 -18.87
CA ASN A 146 -8.26 -14.90 -18.95
C ASN A 146 -7.60 -13.57 -19.25
N GLU A 147 -8.37 -12.65 -19.78
CA GLU A 147 -7.87 -11.31 -20.06
C GLU A 147 -7.64 -10.69 -18.65
N VAL A 148 -8.63 -10.85 -17.77
CA VAL A 148 -8.53 -10.35 -16.41
C VAL A 148 -7.30 -10.92 -15.76
N ARG A 149 -7.04 -12.22 -16.02
CA ARG A 149 -5.94 -12.90 -15.38
C ARG A 149 -4.62 -12.39 -15.84
N LEU A 150 -4.58 -11.94 -17.08
CA LEU A 150 -3.34 -11.44 -17.61
C LEU A 150 -3.08 -10.09 -16.96
N LEU A 151 -4.14 -9.33 -16.80
CA LEU A 151 -4.01 -8.02 -16.18
C LEU A 151 -3.48 -8.21 -14.76
N LYS A 152 -4.17 -9.04 -13.99
CA LYS A 152 -3.77 -9.32 -12.61
C LYS A 152 -2.37 -9.86 -12.54
N GLY A 153 -2.05 -10.83 -13.39
CA GLY A 153 -0.71 -11.40 -13.38
C GLY A 153 0.33 -10.35 -13.71
N PHE A 154 0.03 -9.48 -14.68
CA PHE A 154 0.94 -8.39 -15.06
C PHE A 154 1.21 -7.45 -13.84
N LEU A 155 0.12 -7.00 -13.22
CA LEU A 155 0.22 -6.15 -12.03
C LEU A 155 0.99 -6.79 -10.88
N LYS A 156 0.62 -8.01 -10.53
CA LYS A 156 1.26 -8.73 -9.47
C LYS A 156 2.75 -8.90 -9.65
N ALA A 157 3.17 -9.32 -10.85
CA ALA A 157 4.59 -9.57 -11.10
C ALA A 157 5.40 -8.33 -10.88
N ASN A 158 4.71 -7.19 -10.98
CA ASN A 158 5.29 -5.87 -10.77
C ASN A 158 4.92 -5.19 -9.43
N GLY A 159 4.44 -6.01 -8.48
CA GLY A 159 4.11 -5.54 -7.15
C GLY A 159 3.00 -4.52 -7.03
N ILE A 160 2.09 -4.44 -8.02
CA ILE A 160 1.02 -3.46 -7.93
C ILE A 160 -0.40 -4.00 -8.04
N TYR A 161 -0.54 -5.26 -7.72
CA TYR A 161 -1.86 -5.82 -7.67
C TYR A 161 -2.30 -5.85 -6.19
N GLY A 162 -3.46 -5.31 -5.92
CA GLY A 162 -3.96 -5.26 -4.56
C GLY A 162 -4.27 -3.83 -4.14
N ALA A 163 -5.46 -3.59 -3.65
CA ALA A 163 -5.79 -2.25 -3.18
C ALA A 163 -5.47 -2.13 -1.66
N GLU A 164 -4.85 -3.14 -1.02
CA GLU A 164 -4.64 -3.00 0.45
C GLU A 164 -3.57 -1.94 0.71
N TYR A 165 -3.59 -1.29 1.87
CA TYR A 165 -2.59 -0.24 2.16
C TYR A 165 -1.13 -0.63 2.00
N LYS A 166 -0.82 -1.90 2.16
CA LYS A 166 0.59 -2.29 1.97
C LYS A 166 1.02 -2.16 0.47
N VAL A 167 0.03 -2.22 -0.42
CA VAL A 167 0.35 -2.21 -1.84
C VAL A 167 -0.09 -0.93 -2.55
N ARG A 168 -1.27 -0.50 -2.18
CA ARG A 168 -1.89 0.71 -2.76
C ARG A 168 -1.80 0.59 -4.30
N GLY A 169 -2.24 -0.57 -4.75
CA GLY A 169 -2.22 -0.90 -6.17
C GLY A 169 -3.64 -1.03 -6.71
N PHE A 170 -3.80 -1.91 -7.72
CA PHE A 170 -5.07 -2.15 -8.42
C PHE A 170 -5.90 -3.28 -7.79
N SER A 171 -7.11 -3.00 -7.37
CA SER A 171 -7.95 -4.06 -6.82
C SER A 171 -8.42 -5.03 -7.96
N GLY A 172 -8.90 -6.20 -7.54
CA GLY A 172 -9.40 -7.20 -8.48
C GLY A 172 -10.56 -6.64 -9.26
N TYR A 173 -11.45 -5.97 -8.55
CA TYR A 173 -12.62 -5.34 -9.15
C TYR A 173 -12.26 -4.28 -10.19
N LEU A 174 -11.22 -3.50 -9.90
CA LEU A 174 -10.77 -2.47 -10.81
C LEU A 174 -10.27 -3.15 -12.09
N CYS A 175 -9.57 -4.27 -11.94
CA CYS A 175 -9.07 -5.02 -13.10
C CYS A 175 -10.23 -5.54 -13.99
N GLU A 176 -11.35 -5.93 -13.39
CA GLU A 176 -12.48 -6.44 -14.19
C GLU A 176 -13.19 -5.28 -14.85
N LEU A 177 -13.33 -4.14 -14.18
CA LEU A 177 -13.95 -3.01 -14.88
C LEU A 177 -13.15 -2.55 -16.11
N LEU A 178 -11.81 -2.55 -15.96
CA LEU A 178 -10.89 -2.18 -17.03
C LEU A 178 -10.97 -3.16 -18.22
N ILE A 179 -10.96 -4.45 -17.96
CA ILE A 179 -11.03 -5.44 -19.03
C ILE A 179 -12.39 -5.25 -19.73
N VAL A 180 -13.40 -4.80 -18.99
CA VAL A 180 -14.71 -4.64 -19.59
C VAL A 180 -14.80 -3.39 -20.44
N PHE A 181 -14.10 -2.36 -20.00
CA PHE A 181 -14.09 -1.10 -20.69
C PHE A 181 -13.27 -1.16 -21.99
N TYR A 182 -12.13 -1.85 -21.95
CA TYR A 182 -11.27 -1.92 -23.11
C TYR A 182 -11.41 -3.20 -23.91
N GLY A 183 -12.02 -4.22 -23.34
CA GLY A 183 -12.22 -5.46 -24.09
C GLY A 183 -11.18 -6.52 -23.87
N SER A 184 -9.93 -6.13 -23.64
CA SER A 184 -8.89 -7.13 -23.43
C SER A 184 -7.67 -6.53 -22.69
N PHE A 185 -6.78 -7.40 -22.25
CA PHE A 185 -5.54 -6.98 -21.56
C PHE A 185 -4.71 -6.10 -22.47
N LEU A 186 -4.44 -6.58 -23.68
CA LEU A 186 -3.62 -5.82 -24.62
C LEU A 186 -4.20 -4.42 -24.86
N GLU A 187 -5.50 -4.34 -25.15
CA GLU A 187 -6.07 -3.04 -25.43
C GLU A 187 -5.94 -2.13 -24.19
N THR A 188 -6.07 -2.77 -23.04
CA THR A 188 -5.95 -2.02 -21.78
C THR A 188 -4.56 -1.34 -21.68
N VAL A 189 -3.51 -2.12 -21.83
CA VAL A 189 -2.17 -1.56 -21.75
C VAL A 189 -1.92 -0.53 -22.84
N LYS A 190 -2.38 -0.80 -24.05
CA LYS A 190 -2.19 0.15 -25.14
C LYS A 190 -2.79 1.53 -24.82
N ASN A 191 -3.97 1.58 -24.21
CA ASN A 191 -4.59 2.86 -23.91
C ASN A 191 -4.06 3.45 -22.58
N ALA A 192 -3.62 2.57 -21.66
CA ALA A 192 -3.11 3.05 -20.37
C ALA A 192 -1.84 3.85 -20.62
N ARG A 193 -1.27 3.71 -21.80
CA ARG A 193 -0.06 4.47 -22.11
C ARG A 193 -0.33 5.97 -22.14
N ARG A 194 -1.58 6.35 -22.26
CA ARG A 194 -1.93 7.75 -22.33
C ARG A 194 -2.71 8.23 -21.12
N TRP A 195 -2.81 7.41 -20.08
CA TRP A 195 -3.53 7.88 -18.90
C TRP A 195 -2.73 9.03 -18.24
N THR A 196 -3.41 9.91 -17.54
CA THR A 196 -2.73 11.00 -16.82
C THR A 196 -3.29 10.96 -15.39
N ARG A 197 -2.71 11.78 -14.51
CA ARG A 197 -3.19 11.82 -13.14
C ARG A 197 -4.56 12.52 -13.10
N ARG A 198 -5.09 12.94 -14.25
CA ARG A 198 -6.39 13.59 -14.22
C ARG A 198 -7.41 12.82 -15.08
N THR A 199 -6.99 11.65 -15.51
CA THR A 199 -7.85 10.79 -16.32
C THR A 199 -9.03 10.19 -15.55
N VAL A 200 -10.24 10.37 -16.10
CA VAL A 200 -11.43 9.81 -15.48
C VAL A 200 -12.03 8.76 -16.43
N ILE A 201 -12.04 7.51 -15.98
CA ILE A 201 -12.62 6.43 -16.74
C ILE A 201 -14.05 6.15 -16.27
N ASP A 202 -15.05 6.63 -17.02
CA ASP A 202 -16.45 6.40 -16.61
C ASP A 202 -17.07 5.20 -17.35
N VAL A 203 -16.87 4.00 -16.80
CA VAL A 203 -17.37 2.73 -17.33
C VAL A 203 -18.85 2.66 -17.75
N ALA A 204 -19.75 3.18 -16.92
CA ALA A 204 -21.16 3.13 -17.22
C ALA A 204 -21.53 4.00 -18.43
N LYS A 205 -20.76 5.04 -18.69
CA LYS A 205 -21.05 5.94 -19.80
C LYS A 205 -20.11 5.66 -20.96
N GLY A 206 -19.32 4.59 -20.83
CA GLY A 206 -18.39 4.23 -21.87
C GLY A 206 -17.51 5.40 -22.32
N GLU A 207 -17.15 6.24 -21.38
CA GLU A 207 -16.32 7.38 -21.73
C GLU A 207 -15.10 7.67 -20.85
N VAL A 208 -14.15 8.41 -21.43
CA VAL A 208 -12.95 8.80 -20.72
C VAL A 208 -12.93 10.31 -20.78
N ARG A 209 -12.78 10.98 -19.65
CA ARG A 209 -12.72 12.44 -19.68
C ARG A 209 -11.62 12.88 -18.72
N LYS A 210 -11.55 14.18 -18.51
CA LYS A 210 -10.53 14.76 -17.65
C LYS A 210 -11.20 15.22 -16.39
N GLY A 211 -10.55 15.00 -15.24
CA GLY A 211 -11.10 15.42 -13.96
C GLY A 211 -10.03 15.97 -13.04
N GLU A 212 -10.28 15.86 -11.74
CA GLU A 212 -9.38 16.36 -10.70
C GLU A 212 -8.27 15.37 -10.36
N GLU A 213 -8.57 14.08 -10.38
CA GLU A 213 -7.61 13.04 -10.06
C GLU A 213 -7.99 11.78 -10.86
N PHE A 214 -7.12 10.79 -10.85
CA PHE A 214 -7.42 9.56 -11.56
C PHE A 214 -8.63 8.97 -10.89
N PHE A 215 -9.70 8.82 -11.67
CA PHE A 215 -10.93 8.33 -11.10
C PHE A 215 -11.57 7.28 -12.03
N VAL A 216 -11.90 6.11 -11.48
CA VAL A 216 -12.56 5.07 -12.29
C VAL A 216 -13.96 4.94 -11.65
N VAL A 217 -14.97 5.54 -12.30
CA VAL A 217 -16.33 5.57 -11.78
C VAL A 217 -16.94 4.22 -11.65
N ASP A 218 -17.37 3.84 -10.44
CA ASP A 218 -18.02 2.57 -10.24
C ASP A 218 -19.39 2.58 -10.97
N PRO A 219 -19.65 1.57 -11.82
CA PRO A 219 -20.93 1.54 -12.54
C PRO A 219 -22.17 1.37 -11.64
N VAL A 220 -21.92 0.90 -10.43
CA VAL A 220 -22.97 0.67 -9.46
C VAL A 220 -23.23 1.88 -8.61
N ASP A 221 -22.22 2.73 -8.41
CA ASP A 221 -22.38 3.94 -7.61
C ASP A 221 -21.42 4.97 -8.21
N GLU A 222 -21.97 5.96 -8.91
CA GLU A 222 -21.12 6.93 -9.59
C GLU A 222 -20.22 7.81 -8.75
N LYS A 223 -20.53 7.98 -7.48
CA LYS A 223 -19.69 8.80 -6.62
C LYS A 223 -18.44 8.06 -6.12
N ARG A 224 -18.43 6.75 -6.28
CA ARG A 224 -17.30 5.97 -5.80
C ARG A 224 -16.23 5.80 -6.86
N ASN A 225 -15.00 6.05 -6.43
CA ASN A 225 -13.82 5.90 -7.25
C ASN A 225 -13.22 4.52 -6.92
N VAL A 226 -13.45 3.59 -7.83
CA VAL A 226 -12.97 2.23 -7.68
C VAL A 226 -11.45 2.19 -7.54
N ALA A 227 -10.76 3.18 -8.06
CA ALA A 227 -9.30 3.20 -7.96
C ALA A 227 -8.89 4.15 -6.80
N ALA A 228 -9.74 4.27 -5.81
CA ALA A 228 -9.48 5.16 -4.66
C ALA A 228 -8.10 4.88 -4.02
N ASN A 229 -7.76 3.64 -3.80
CA ASN A 229 -6.48 3.30 -3.15
C ASN A 229 -5.27 3.25 -4.07
N LEU A 230 -5.47 3.29 -5.40
CA LEU A 230 -4.30 3.25 -6.27
C LEU A 230 -3.52 4.56 -6.03
N SER A 231 -2.24 4.47 -5.62
CA SER A 231 -1.45 5.69 -5.35
C SER A 231 -1.02 6.32 -6.65
N LEU A 232 -0.82 7.62 -6.62
CA LEU A 232 -0.35 8.36 -7.78
C LEU A 232 0.93 7.64 -8.32
N ASP A 233 1.85 7.31 -7.42
CA ASP A 233 3.02 6.66 -7.98
C ASP A 233 2.89 5.29 -8.60
N ASN A 234 1.91 4.48 -8.17
CA ASN A 234 1.72 3.15 -8.76
C ASN A 234 0.98 3.26 -10.07
N LEU A 235 0.21 4.34 -10.21
CA LEU A 235 -0.50 4.63 -11.46
C LEU A 235 0.65 4.96 -12.44
N ALA A 236 1.55 5.82 -11.98
CA ALA A 236 2.67 6.23 -12.85
C ALA A 236 3.48 5.02 -13.27
N ARG A 237 3.72 4.13 -12.33
CA ARG A 237 4.53 2.96 -12.68
C ARG A 237 3.82 2.06 -13.67
N PHE A 238 2.50 1.99 -13.59
CA PHE A 238 1.74 1.11 -14.49
C PHE A 238 1.79 1.73 -15.89
N VAL A 239 1.56 3.02 -15.98
CA VAL A 239 1.62 3.69 -17.27
C VAL A 239 2.99 3.49 -17.88
N HIS A 240 4.06 3.72 -17.10
CA HIS A 240 5.39 3.51 -17.65
C HIS A 240 5.61 2.03 -18.07
N LEU A 241 5.18 1.08 -17.23
CA LEU A 241 5.29 -0.35 -17.56
C LEU A 241 4.58 -0.68 -18.86
N CYS A 242 3.41 -0.09 -19.06
CA CYS A 242 2.65 -0.34 -20.28
C CYS A 242 3.45 0.13 -21.51
N ARG A 243 3.96 1.36 -21.42
CA ARG A 243 4.78 1.95 -22.49
C ARG A 243 6.00 1.09 -22.77
N GLU A 244 6.59 0.50 -21.73
CA GLU A 244 7.75 -0.37 -21.87
C GLU A 244 7.43 -1.71 -22.53
N PHE A 245 6.33 -2.34 -22.09
CA PHE A 245 5.87 -3.62 -22.63
C PHE A 245 5.54 -3.53 -24.13
N MET A 246 4.82 -2.51 -24.54
CA MET A 246 4.47 -2.36 -25.96
C MET A 246 5.74 -2.09 -26.81
N GLU A 247 6.63 -1.28 -26.28
CA GLU A 247 7.88 -0.95 -26.93
C GLU A 247 8.67 -2.24 -27.16
N ALA A 248 8.66 -3.13 -26.17
CA ALA A 248 9.41 -4.37 -26.28
C ALA A 248 8.79 -5.46 -25.41
N PRO A 249 7.70 -6.06 -25.87
CA PRO A 249 7.06 -7.11 -25.09
C PRO A 249 8.00 -8.28 -24.73
N SER A 250 7.85 -8.78 -23.50
CA SER A 250 8.68 -9.87 -22.97
C SER A 250 7.89 -10.59 -21.91
N LEU A 251 8.11 -11.90 -21.82
CA LEU A 251 7.40 -12.68 -20.81
C LEU A 251 7.84 -12.28 -19.38
N GLY A 252 8.95 -11.56 -19.31
CA GLY A 252 9.48 -11.14 -18.03
C GLY A 252 8.58 -10.17 -17.27
N PHE A 253 7.70 -9.49 -17.99
CA PHE A 253 6.79 -8.58 -17.33
C PHE A 253 5.81 -9.37 -16.47
N PHE A 254 5.67 -10.66 -16.76
CA PHE A 254 4.74 -11.49 -15.99
C PHE A 254 5.45 -12.33 -14.93
N LYS A 255 6.68 -11.98 -14.65
CA LYS A 255 7.46 -12.73 -13.68
C LYS A 255 8.07 -11.86 -12.62
N PRO A 256 7.99 -12.29 -11.35
CA PRO A 256 8.56 -11.55 -10.22
C PRO A 256 10.03 -11.32 -10.43
N LYS A 257 10.45 -10.09 -10.19
CA LYS A 257 11.86 -9.78 -10.33
C LYS A 257 12.57 -10.54 -9.21
N HIS A 258 13.83 -10.91 -9.41
CA HIS A 258 14.55 -11.64 -8.39
C HIS A 258 15.32 -10.81 -7.36
N PRO A 259 15.11 -11.10 -6.07
CA PRO A 259 15.74 -10.42 -4.94
C PRO A 259 17.24 -10.25 -5.14
N LEU A 260 17.68 -8.99 -5.19
CA LEU A 260 19.08 -8.65 -5.39
C LEU A 260 19.90 -9.27 -4.27
N GLU A 261 20.33 -10.52 -4.47
CA GLU A 261 21.15 -11.20 -3.45
C GLU A 261 22.41 -10.37 -3.21
N ILE A 262 22.36 -9.52 -2.21
CA ILE A 262 23.51 -8.66 -1.93
C ILE A 262 24.24 -8.94 -0.63
N GLU A 263 25.55 -8.95 -0.74
CA GLU A 263 26.43 -9.21 0.39
C GLU A 263 26.65 -7.88 1.09
N PRO A 264 26.64 -7.87 2.43
CA PRO A 264 26.84 -6.70 3.28
C PRO A 264 28.06 -5.84 2.93
N GLU A 265 29.14 -6.48 2.46
CA GLU A 265 30.32 -5.72 2.12
C GLU A 265 30.13 -4.95 0.82
N ARG A 266 29.25 -5.45 -0.05
CA ARG A 266 28.95 -4.77 -1.30
C ARG A 266 28.02 -3.57 -1.06
N LEU A 267 27.28 -3.64 0.05
CA LEU A 267 26.37 -2.59 0.41
C LEU A 267 27.18 -1.49 1.08
N ARG A 268 28.12 -1.88 1.94
CA ARG A 268 28.95 -0.90 2.63
C ARG A 268 29.74 -0.07 1.62
N LYS A 269 30.14 -0.73 0.54
CA LYS A 269 30.89 -0.10 -0.53
C LYS A 269 30.03 0.84 -1.38
N ILE A 270 28.77 0.46 -1.56
CA ILE A 270 27.89 1.30 -2.36
C ILE A 270 27.65 2.59 -1.58
N VAL A 271 27.42 2.44 -0.29
CA VAL A 271 27.10 3.54 0.61
C VAL A 271 28.26 4.48 0.84
N GLU A 272 29.47 3.94 1.01
CA GLU A 272 30.62 4.82 1.19
C GLU A 272 30.88 5.51 -0.12
N GLU A 273 30.62 4.84 -1.22
CA GLU A 273 30.77 5.47 -2.53
C GLU A 273 29.70 6.62 -2.75
N ARG A 274 28.48 6.38 -2.30
CA ARG A 274 27.47 7.44 -2.44
C ARG A 274 27.86 8.60 -1.50
N GLY A 275 28.53 8.27 -0.40
CA GLY A 275 28.99 9.25 0.58
C GLY A 275 27.90 9.80 1.51
N THR A 276 26.82 9.05 1.61
CA THR A 276 25.70 9.46 2.45
C THR A 276 25.67 8.81 3.83
N ALA A 277 24.72 9.26 4.64
CA ALA A 277 24.48 8.66 5.95
C ALA A 277 23.22 7.82 5.75
N VAL A 278 23.38 6.53 6.03
CA VAL A 278 22.33 5.53 5.86
C VAL A 278 22.09 4.91 7.19
N PHE A 279 20.84 4.99 7.62
CA PHE A 279 20.49 4.44 8.90
C PHE A 279 19.02 4.06 8.97
N ALA A 280 18.66 3.37 10.04
CA ALA A 280 17.29 2.97 10.26
C ALA A 280 16.91 3.10 11.72
N VAL A 281 15.61 3.23 11.93
CA VAL A 281 15.07 3.28 13.28
C VAL A 281 14.41 1.91 13.39
N LYS A 282 14.85 1.13 14.38
CA LYS A 282 14.30 -0.22 14.63
C LYS A 282 13.41 -0.26 15.91
N PHE A 283 12.23 -0.89 15.82
CA PHE A 283 11.35 -0.93 17.01
C PHE A 283 10.46 -2.15 16.91
N ARG A 284 9.80 -2.51 18.00
CA ARG A 284 8.91 -3.68 17.99
C ARG A 284 7.62 -3.36 17.19
N LYS A 285 7.28 -4.29 16.31
CA LYS A 285 6.07 -4.18 15.49
C LYS A 285 4.80 -4.29 16.40
N PRO A 286 3.93 -3.26 16.39
CA PRO A 286 2.73 -3.37 17.24
C PRO A 286 1.81 -4.48 16.68
N ASP A 287 0.98 -5.06 17.54
CA ASP A 287 0.02 -6.12 17.19
C ASP A 287 -1.25 -5.53 16.57
N ILE A 288 -1.19 -5.10 15.31
CA ILE A 288 -2.35 -4.55 14.62
C ILE A 288 -2.31 -5.08 13.19
N VAL A 289 -3.44 -5.02 12.49
CA VAL A 289 -3.50 -5.49 11.10
C VAL A 289 -2.76 -4.58 10.13
N ASP A 290 -2.31 -5.16 9.05
CA ASP A 290 -1.60 -4.44 8.03
C ASP A 290 -2.24 -3.09 7.62
N ASP A 291 -3.56 -3.12 7.39
CA ASP A 291 -4.24 -1.90 6.97
C ASP A 291 -4.15 -0.79 7.98
N ASN A 292 -3.94 -1.17 9.23
CA ASN A 292 -3.73 -0.16 10.25
C ASN A 292 -2.20 0.19 10.32
N LEU A 293 -1.34 -0.82 10.28
CA LEU A 293 0.11 -0.64 10.41
C LEU A 293 0.79 0.17 9.31
N TYR A 294 0.49 -0.18 8.06
CA TYR A 294 1.18 0.49 7.01
C TYR A 294 0.97 1.96 6.95
N PRO A 295 -0.27 2.44 7.08
CA PRO A 295 -0.49 3.90 7.05
C PRO A 295 0.36 4.59 8.19
N GLN A 296 0.51 3.91 9.33
CA GLN A 296 1.33 4.45 10.45
C GLN A 296 2.84 4.40 10.08
N LEU A 297 3.26 3.32 9.42
CA LEU A 297 4.66 3.30 9.03
C LEU A 297 4.94 4.43 8.02
N GLU A 298 3.95 4.71 7.11
CA GLU A 298 4.19 5.79 6.16
C GLU A 298 4.24 7.11 6.84
N ARG A 299 3.32 7.34 7.77
CA ARG A 299 3.29 8.63 8.47
C ARG A 299 4.59 8.78 9.33
N ALA A 300 4.95 7.73 10.04
CA ALA A 300 6.16 7.84 10.92
C ALA A 300 7.39 8.15 10.05
N SER A 301 7.49 7.48 8.90
CA SER A 301 8.60 7.75 8.00
C SER A 301 8.60 9.23 7.44
N ARG A 302 7.44 9.73 7.03
CA ARG A 302 7.32 11.12 6.57
C ARG A 302 7.65 12.15 7.65
N LYS A 303 7.17 11.97 8.88
CA LYS A 303 7.47 12.93 9.97
C LYS A 303 9.00 12.99 10.23
N ILE A 304 9.59 11.82 10.24
CA ILE A 304 11.02 11.80 10.48
C ILE A 304 11.75 12.39 9.31
N PHE A 305 11.24 12.18 8.08
CA PHE A 305 11.91 12.78 6.90
C PHE A 305 11.79 14.32 6.95
N GLU A 306 10.59 14.80 7.28
CA GLU A 306 10.36 16.23 7.39
C GLU A 306 11.26 16.87 8.44
N PHE A 307 11.48 16.12 9.54
CA PHE A 307 12.32 16.60 10.63
C PHE A 307 13.75 16.71 10.07
N LEU A 308 14.23 15.66 9.37
CA LEU A 308 15.58 15.70 8.79
C LEU A 308 15.72 16.89 7.78
N GLU A 309 14.67 17.15 7.01
CA GLU A 309 14.71 18.29 6.04
C GLU A 309 14.85 19.55 6.76
N ARG A 310 14.02 19.74 7.80
CA ARG A 310 14.02 20.95 8.60
C ARG A 310 15.36 21.19 9.30
N GLU A 311 16.01 20.09 9.75
CA GLU A 311 17.28 20.21 10.50
C GLU A 311 18.48 20.25 9.59
N ASN A 312 18.19 20.42 8.30
CA ASN A 312 19.22 20.53 7.25
C ASN A 312 20.15 19.34 7.02
N PHE A 313 19.62 18.14 7.20
CA PHE A 313 20.43 16.94 6.95
C PHE A 313 20.17 16.46 5.54
N MET A 314 19.28 17.17 4.83
CA MET A 314 18.98 16.83 3.42
C MET A 314 18.73 15.39 3.06
N PRO A 315 17.66 14.82 3.61
CA PRO A 315 17.34 13.45 3.32
C PRO A 315 17.07 13.30 1.79
N LEU A 316 17.49 12.18 1.28
CA LEU A 316 17.35 11.85 -0.12
C LEU A 316 16.07 11.05 -0.31
N ARG A 317 15.97 9.97 0.46
CA ARG A 317 14.84 9.10 0.32
C ARG A 317 14.65 8.28 1.60
N SER A 318 13.45 7.77 1.80
CA SER A 318 13.16 6.96 2.96
C SER A 318 12.41 5.72 2.51
N ALA A 319 12.23 4.78 3.43
CA ALA A 319 11.51 3.52 3.14
C ALA A 319 11.19 2.84 4.46
N PHE A 320 10.37 1.80 4.44
CA PHE A 320 10.14 1.10 5.69
C PHE A 320 9.98 -0.36 5.38
N LYS A 321 10.04 -1.12 6.44
CA LYS A 321 9.94 -2.55 6.40
C LYS A 321 9.26 -3.11 7.66
N ALA A 322 8.34 -4.05 7.49
CA ALA A 322 7.72 -4.71 8.65
C ALA A 322 8.09 -6.19 8.58
N SER A 323 8.80 -6.70 9.60
CA SER A 323 9.11 -8.12 9.65
C SER A 323 8.07 -8.72 10.59
N GLU A 324 8.38 -9.91 11.08
CA GLU A 324 7.49 -10.62 11.98
C GLU A 324 7.46 -9.96 13.34
N GLU A 325 8.65 -9.62 13.84
CA GLU A 325 8.72 -9.00 15.15
C GLU A 325 9.07 -7.51 15.16
N PHE A 326 9.75 -6.99 14.13
CA PHE A 326 10.17 -5.59 14.18
C PHE A 326 9.76 -4.79 12.98
N CYS A 327 9.84 -3.46 13.13
CA CYS A 327 9.56 -2.55 12.03
C CYS A 327 10.83 -1.74 11.85
N TYR A 328 11.09 -1.33 10.63
CA TYR A 328 12.26 -0.51 10.38
C TYR A 328 11.90 0.70 9.53
N LEU A 329 12.40 1.87 9.93
CA LEU A 329 12.19 3.09 9.13
C LEU A 329 13.55 3.37 8.58
N LEU A 330 13.72 3.29 7.26
CA LEU A 330 15.03 3.49 6.63
C LEU A 330 15.20 4.90 6.09
N PHE A 331 16.41 5.47 6.20
CA PHE A 331 16.65 6.82 5.70
C PHE A 331 18.02 6.98 5.06
N GLU A 332 18.16 7.88 4.09
CA GLU A 332 19.49 8.19 3.50
C GLU A 332 19.57 9.71 3.42
N CYS A 333 20.64 10.31 3.97
CA CYS A 333 20.80 11.76 3.99
C CYS A 333 22.11 12.10 3.35
N GLN A 334 22.15 13.27 2.67
CA GLN A 334 23.34 13.81 2.01
C GLN A 334 24.37 14.42 2.95
N ILE A 335 23.90 14.73 4.15
CA ILE A 335 24.75 15.30 5.18
C ILE A 335 24.97 14.32 6.31
N LYS A 336 26.23 13.93 6.53
CA LYS A 336 26.59 13.04 7.61
C LYS A 336 26.91 13.81 8.87
N GLU A 337 27.37 15.05 8.70
CA GLU A 337 27.73 15.85 9.83
C GLU A 337 27.52 17.35 9.55
N ILE A 338 26.92 18.06 10.46
CA ILE A 338 26.74 19.50 10.27
C ILE A 338 27.47 20.19 11.48
N SER A 339 27.82 21.46 11.33
CA SER A 339 28.51 22.27 12.32
C SER A 339 27.69 22.40 13.59
N ARG A 340 28.41 22.53 14.68
CA ARG A 340 27.82 22.72 15.97
C ARG A 340 27.15 24.12 16.00
N VAL A 341 27.75 25.10 15.34
CA VAL A 341 27.21 26.48 15.34
C VAL A 341 26.18 26.70 14.25
N PHE A 342 25.17 27.48 14.55
CA PHE A 342 24.12 27.75 13.58
C PHE A 342 23.64 29.17 13.86
N ARG A 343 22.82 29.70 12.98
CA ARG A 343 22.36 31.09 13.12
C ARG A 343 21.00 31.14 13.67
N ARG A 344 20.81 31.91 14.74
CA ARG A 344 19.51 32.06 15.35
C ARG A 344 18.99 33.49 14.99
N MET A 345 17.81 33.56 14.40
CA MET A 345 17.23 34.83 13.97
C MET A 345 16.69 35.64 15.15
N GLY A 346 17.08 36.93 15.24
CA GLY A 346 16.65 37.82 16.29
C GLY A 346 15.64 38.83 15.76
N PRO A 347 15.32 39.87 16.54
CA PRO A 347 14.34 40.84 16.06
C PRO A 347 14.91 41.99 15.20
N GLN A 348 14.05 42.76 14.53
CA GLN A 348 14.53 43.91 13.77
C GLN A 348 15.18 44.88 14.72
N PHE A 349 16.16 45.65 14.24
CA PHE A 349 16.92 46.58 15.10
C PHE A 349 16.06 47.64 15.84
N GLU A 350 14.90 47.99 15.25
CA GLU A 350 13.94 48.96 15.83
C GLU A 350 13.29 48.51 17.14
N ASP A 351 13.09 47.21 17.31
CA ASP A 351 12.44 46.72 18.52
C ASP A 351 13.37 46.79 19.71
N GLU A 352 13.41 47.93 20.38
CA GLU A 352 14.33 48.08 21.48
C GLU A 352 14.15 47.02 22.56
N ARG A 353 12.91 46.79 22.93
CA ARG A 353 12.66 45.83 24.00
C ARG A 353 13.03 44.37 23.69
N ASN A 354 12.53 43.87 22.57
CA ASN A 354 12.87 42.52 22.19
C ASN A 354 14.38 42.38 21.91
N VAL A 355 15.03 43.46 21.48
CA VAL A 355 16.46 43.38 21.22
C VAL A 355 17.21 43.20 22.52
N LYS A 356 16.81 43.97 23.55
CA LYS A 356 17.46 43.87 24.86
C LYS A 356 17.35 42.43 25.36
N LYS A 357 16.19 41.86 25.16
CA LYS A 357 15.93 40.49 25.58
C LYS A 357 16.77 39.47 24.81
N PHE A 358 16.82 39.63 23.49
CA PHE A 358 17.60 38.73 22.64
C PHE A 358 19.08 38.80 23.09
N LEU A 359 19.58 40.00 23.39
CA LEU A 359 20.97 40.17 23.83
C LEU A 359 21.30 39.78 25.28
N SER A 360 20.30 39.67 26.15
CA SER A 360 20.57 39.34 27.55
C SER A 360 21.00 37.89 27.73
N ARG A 361 20.75 37.05 26.73
CA ARG A 361 21.14 35.65 26.86
C ARG A 361 22.65 35.50 26.73
N ASN A 362 23.22 34.62 27.54
CA ASN A 362 24.66 34.42 27.49
C ASN A 362 24.95 33.54 26.31
N ARG A 363 25.97 33.87 25.52
CA ARG A 363 26.33 33.01 24.38
C ARG A 363 27.85 33.03 24.20
N ALA A 364 28.40 31.96 23.63
CA ALA A 364 29.85 31.90 23.43
C ALA A 364 30.31 32.97 22.45
N PHE A 365 29.47 33.33 21.50
CA PHE A 365 29.89 34.33 20.51
C PHE A 365 28.95 35.51 20.51
N ARG A 366 29.41 36.63 19.92
CA ARG A 366 28.64 37.88 19.89
C ARG A 366 27.58 37.98 18.82
N PRO A 367 26.36 38.35 19.20
CA PRO A 367 25.36 38.45 18.13
C PRO A 367 25.68 39.62 17.14
N PHE A 368 25.03 39.65 16.00
CA PHE A 368 25.41 40.68 15.04
C PHE A 368 24.19 41.13 14.27
N ILE A 369 24.33 42.24 13.59
CA ILE A 369 23.25 42.78 12.78
C ILE A 369 23.55 42.48 11.32
N GLU A 370 22.53 42.07 10.58
CA GLU A 370 22.66 41.81 9.15
C GLU A 370 21.34 42.10 8.47
N ASN A 371 21.39 42.93 7.42
CA ASN A 371 20.18 43.33 6.71
C ASN A 371 19.09 43.84 7.66
N GLY A 372 19.48 44.69 8.61
CA GLY A 372 18.55 45.31 9.54
C GLY A 372 18.00 44.45 10.67
N ARG A 373 18.49 43.24 10.81
CA ARG A 373 17.96 42.37 11.86
C ARG A 373 19.08 41.73 12.66
N TRP A 374 18.82 41.46 13.95
CA TRP A 374 19.82 40.81 14.83
C TRP A 374 19.83 39.32 14.63
N TRP A 375 21.01 38.73 14.73
CA TRP A 375 21.20 37.30 14.58
C TRP A 375 22.20 36.86 15.64
N ALA A 376 22.06 35.63 16.12
CA ALA A 376 23.06 35.16 17.08
C ALA A 376 23.54 33.77 16.69
N PHE A 377 24.82 33.51 16.88
CA PHE A 377 25.34 32.18 16.65
C PHE A 377 24.96 31.39 17.91
N GLU A 378 24.44 30.17 17.73
CA GLU A 378 24.08 29.32 18.86
C GLU A 378 24.57 27.94 18.56
N MET A 379 24.36 27.02 19.49
CA MET A 379 24.90 25.67 19.33
C MET A 379 23.77 24.67 19.16
N ARG A 380 24.00 23.69 18.27
CA ARG A 380 23.01 22.67 17.99
C ARG A 380 23.18 21.59 19.07
N LYS A 381 22.11 20.89 19.41
CA LYS A 381 22.19 19.80 20.37
C LYS A 381 22.56 18.46 19.71
N PHE A 382 22.72 18.44 18.38
CA PHE A 382 23.15 17.24 17.68
C PHE A 382 23.80 17.70 16.38
N THR A 383 24.71 16.89 15.85
CA THR A 383 25.41 17.24 14.64
C THR A 383 25.30 16.18 13.56
N THR A 384 24.67 15.04 13.83
CA THR A 384 24.49 14.01 12.79
C THR A 384 23.04 13.69 12.68
N PRO A 385 22.58 13.25 11.51
CA PRO A 385 21.15 12.92 11.38
C PRO A 385 20.74 11.80 12.35
N GLU A 386 21.67 10.85 12.62
CA GLU A 386 21.38 9.76 13.56
C GLU A 386 21.08 10.34 14.96
N GLU A 387 21.90 11.28 15.42
CA GLU A 387 21.68 11.98 16.73
C GLU A 387 20.39 12.82 16.67
N GLY A 388 20.16 13.47 15.54
CA GLY A 388 18.95 14.26 15.40
C GLY A 388 17.72 13.38 15.60
N VAL A 389 17.69 12.24 14.89
CA VAL A 389 16.56 11.30 14.96
C VAL A 389 16.43 10.67 16.36
N ARG A 390 17.55 10.36 17.01
CA ARG A 390 17.44 9.81 18.38
C ARG A 390 16.66 10.83 19.23
N SER A 391 17.04 12.08 19.15
CA SER A 391 16.34 13.13 19.87
C SER A 391 14.85 13.18 19.49
N TYR A 392 14.57 13.29 18.18
CA TYR A 392 13.16 13.42 17.75
C TYR A 392 12.29 12.25 18.16
N ALA A 393 12.74 11.03 17.94
CA ALA A 393 11.97 9.87 18.27
C ALA A 393 11.74 9.74 19.77
N SER A 394 12.62 10.35 20.58
CA SER A 394 12.51 10.34 22.03
C SER A 394 11.43 11.28 22.58
N THR A 395 11.19 12.44 21.94
CA THR A 395 10.17 13.32 22.49
C THR A 395 9.00 13.61 21.56
N HIS A 396 9.05 13.12 20.32
CA HIS A 396 7.95 13.40 19.41
C HIS A 396 7.39 12.12 18.84
N TRP A 397 7.61 11.00 19.54
CA TRP A 397 7.02 9.73 19.11
C TRP A 397 5.47 9.85 18.96
N HIS A 398 4.84 10.81 19.66
CA HIS A 398 3.38 10.90 19.56
C HIS A 398 2.90 11.21 18.16
N THR A 399 3.72 11.87 17.35
CA THR A 399 3.36 12.21 15.97
C THR A 399 3.56 11.06 14.96
N LEU A 400 4.14 9.96 15.42
CA LEU A 400 4.50 8.87 14.52
C LEU A 400 3.45 7.80 14.40
N GLY A 401 2.18 8.17 14.63
CA GLY A 401 1.09 7.19 14.57
C GLY A 401 0.77 6.66 15.97
N LYS A 402 -0.50 6.35 16.19
CA LYS A 402 -0.96 5.88 17.50
C LYS A 402 -0.21 4.65 18.08
N ASN A 403 -0.09 3.59 17.30
CA ASN A 403 0.57 2.36 17.76
C ASN A 403 2.05 2.33 17.46
N VAL A 404 2.46 2.87 16.33
CA VAL A 404 3.87 2.91 16.02
C VAL A 404 4.59 3.84 17.04
N GLY A 405 3.97 4.97 17.34
CA GLY A 405 4.57 5.89 18.29
C GLY A 405 4.68 5.32 19.69
N GLU A 406 3.64 4.61 20.13
CA GLU A 406 3.64 4.00 21.45
C GLU A 406 4.79 2.94 21.54
N SER A 407 5.02 2.21 20.46
CA SER A 407 6.09 1.21 20.47
C SER A 407 7.47 1.89 20.57
N ILE A 408 7.64 2.93 19.79
CA ILE A 408 8.90 3.68 19.76
C ILE A 408 9.13 4.30 21.15
N ARG A 409 8.03 4.69 21.78
CA ARG A 409 8.09 5.25 23.14
C ARG A 409 8.65 4.16 24.07
N GLU A 410 8.18 2.92 23.96
CA GLU A 410 8.74 1.90 24.84
C GLU A 410 10.19 1.55 24.48
N TYR A 411 10.54 1.55 23.20
CA TYR A 411 11.88 1.18 22.80
C TYR A 411 12.11 1.35 21.30
N PHE A 412 13.31 1.81 20.98
CA PHE A 412 13.75 1.92 19.59
C PHE A 412 15.28 2.05 19.56
N GLU A 413 15.89 1.81 18.41
CA GLU A 413 17.30 2.06 18.33
C GLU A 413 17.66 2.55 16.93
N ILE A 414 18.65 3.43 16.83
CA ILE A 414 19.10 3.89 15.53
C ILE A 414 20.27 2.96 15.23
N ILE A 415 20.22 2.32 14.06
CA ILE A 415 21.26 1.41 13.63
C ILE A 415 21.77 1.86 12.26
N SER A 416 23.07 1.65 12.05
CA SER A 416 23.75 1.95 10.79
C SER A 416 24.92 0.97 10.56
N GLY A 417 25.57 1.11 9.43
CA GLY A 417 26.70 0.26 9.10
C GLY A 417 26.39 -1.23 8.95
N GLU A 418 27.41 -2.03 9.23
CA GLU A 418 27.26 -3.48 9.11
C GLU A 418 26.07 -4.00 9.89
N LYS A 419 25.89 -3.44 11.07
CA LYS A 419 24.79 -3.82 11.92
C LYS A 419 23.48 -3.71 11.14
N LEU A 420 23.30 -2.60 10.43
CA LEU A 420 22.09 -2.38 9.65
C LEU A 420 21.99 -3.42 8.52
N PHE A 421 23.12 -3.63 7.85
CA PHE A 421 23.15 -4.60 6.74
C PHE A 421 22.79 -6.02 7.16
N LYS A 422 23.00 -6.35 8.41
CA LYS A 422 22.64 -7.67 8.90
C LYS A 422 21.11 -7.83 9.06
N GLU A 423 20.38 -6.75 9.34
CA GLU A 423 18.90 -6.80 9.54
C GLU A 423 18.27 -7.16 8.22
N PRO A 424 17.06 -7.69 8.23
CA PRO A 424 16.32 -8.11 7.01
C PRO A 424 15.69 -6.93 6.24
N VAL A 425 16.53 -5.98 5.85
CA VAL A 425 16.04 -4.78 5.16
C VAL A 425 16.88 -4.51 3.91
N THR A 426 17.73 -5.46 3.52
CA THR A 426 18.58 -5.28 2.34
C THR A 426 17.77 -5.04 1.07
N ALA A 427 16.68 -5.75 0.87
CA ALA A 427 15.88 -5.49 -0.31
C ALA A 427 15.39 -4.02 -0.37
N GLU A 428 14.92 -3.52 0.77
CA GLU A 428 14.43 -2.16 0.84
C GLU A 428 15.56 -1.17 0.63
N LEU A 429 16.70 -1.41 1.26
CA LEU A 429 17.86 -0.53 1.08
C LEU A 429 18.25 -0.37 -0.40
N CYS A 430 18.41 -1.50 -1.09
CA CYS A 430 18.81 -1.52 -2.50
C CYS A 430 17.83 -0.78 -3.37
N GLU A 431 16.55 -1.05 -3.16
CA GLU A 431 15.50 -0.38 -3.91
C GLU A 431 15.57 1.13 -3.62
N MET A 432 15.64 1.52 -2.33
CA MET A 432 15.71 2.95 -1.93
C MET A 432 16.87 3.73 -2.61
N MET A 433 18.02 3.04 -2.74
CA MET A 433 19.19 3.63 -3.36
C MET A 433 19.28 3.40 -4.88
N GLY A 434 18.32 2.69 -5.45
CA GLY A 434 18.34 2.42 -6.89
C GLY A 434 19.48 1.47 -7.32
N VAL A 435 19.81 0.54 -6.45
CA VAL A 435 20.87 -0.39 -6.79
C VAL A 435 20.44 -1.37 -7.91
N LYS A 436 21.30 -1.61 -8.89
CA LYS A 436 20.93 -2.60 -9.89
C LYS A 436 21.85 -3.82 -9.86
N ASP A 437 21.43 -4.90 -10.52
CA ASP A 437 22.21 -6.15 -10.61
C ASP A 437 23.58 -5.91 -11.29
C ACT B . 4.98 -0.52 -3.42
O ACT B . 5.33 -1.64 -2.98
OXT ACT B . 4.34 0.34 -2.74
CH3 ACT B . 5.33 -0.18 -4.89
MG MG C . -12.21 -11.86 0.06
MG MG D . -11.67 -13.25 -4.17
N1 CTP E . -15.03 -8.34 -3.62
C2 CTP E . -15.44 -8.32 -4.98
N3 CTP E . -16.23 -7.26 -5.47
C4 CTP E . -16.62 -6.21 -4.59
C5 CTP E . -16.19 -6.21 -3.28
C6 CTP E . -15.40 -7.28 -2.79
O2 CTP E . -15.15 -9.24 -5.77
N4 CTP E . -17.37 -5.22 -5.04
C1' CTP E . -14.04 -9.30 -3.02
C2' CTP E . -13.57 -10.52 -3.82
O2' CTP E . -14.41 -11.62 -3.50
C3' CTP E . -12.17 -10.76 -3.22
C4' CTP E . -11.72 -9.38 -2.75
O4' CTP E . -12.88 -8.53 -2.66
O3' CTP E . -12.07 -11.77 -2.22
C5' CTP E . -11.00 -8.90 -4.01
O5' CTP E . -11.35 -9.93 -4.94
PA CTP E . -11.70 -9.69 -6.48
O1A CTP E . -12.00 -8.27 -6.76
O2A CTP E . -12.70 -10.70 -6.94
O3A CTP E . -10.23 -10.04 -7.03
PB CTP E . -9.26 -11.05 -6.23
O1B CTP E . -9.98 -11.76 -5.14
O2B CTP E . -8.00 -10.34 -5.87
O3B CTP E . -9.03 -12.14 -7.41
PG CTP E . -7.66 -12.91 -7.75
O1G CTP E . -6.80 -12.10 -8.66
O2G CTP E . -8.03 -14.28 -8.18
O3G CTP E . -6.90 -13.05 -6.33
#